data_4Y9T
#
_entry.id   4Y9T
#
_cell.length_a   36.634
_cell.length_b   63.611
_cell.length_c   127.394
_cell.angle_alpha   90.000
_cell.angle_beta   90.000
_cell.angle_gamma   90.000
#
_symmetry.space_group_name_H-M   'P 21 21 21'
#
loop_
_entity.id
_entity.type
_entity.pdbx_description
1 polymer 'ABC transporter, solute binding protein'
2 non-polymer 2-amino-2-deoxy-alpha-D-glucopyranose
3 water water
#
_entity_poly.entity_id   1
_entity_poly.type   'polypeptide(L)'
_entity_poly.pdbx_seq_one_letter_code
;(MSE)HHHHHHSSGVDLGTENLYFQS(MSE)AQTKG(MSE)VYYLVPTLLDEFQTGSVNALS(MSE)FLGQVGYE(MSE)
KTLNADNKTDAQQSQ(MSE)NDVIALKPAAIILAAVDFNALKPSIEAARAAGIPVVEFDRQITSTPSDFTSVAGTVEIGH
IAGDHAISLLKGKNGDVKGKILQVPGDPGDPYTLDIQKGFEEKIKAFPGVKIISVPAVQWEASAAGTIVSDQ(MSE)LAN
PDIDLIFLHAAHLSVAAVASLEAAGKKPGDV(MSE)L(MSE)SSNGAPVGLDLIRKGWLNVEVEQPLYAQAAAIA(MSE)
F(MSE)DKVVGKKPIKAGDYDVLGLKSVVT(MSE)ETWGPNIKIPGSAITKENVDNPSFWGNLKPPTAAIKSVE
;
_entity_poly.pdbx_strand_id   A
#
loop_
_chem_comp.id
_chem_comp.type
_chem_comp.name
_chem_comp.formula
PA1 D-saccharide, alpha linking 2-amino-2-deoxy-alpha-D-glucopyranose 'C6 H13 N O5'
#
# COMPACT_ATOMS: atom_id res chain seq x y z
N THR A 26 -16.68 24.19 10.32
CA THR A 26 -15.44 23.50 10.02
C THR A 26 -14.52 23.42 11.24
N LYS A 27 -13.76 22.34 11.33
CA LYS A 27 -12.85 22.11 12.45
C LYS A 27 -11.40 22.44 12.10
N GLY A 28 -11.19 22.89 10.87
CA GLY A 28 -9.88 23.32 10.42
C GLY A 28 -9.44 22.59 9.18
N MSE A 29 -8.24 22.92 8.74
CA MSE A 29 -7.69 22.38 7.51
C MSE A 29 -6.67 21.30 7.80
O MSE A 29 -5.92 21.36 8.78
CB MSE A 29 -7.05 23.50 6.68
CG MSE A 29 -8.04 24.46 6.04
SE MSE A 29 -7.12 25.67 4.85
CE MSE A 29 -6.02 26.55 6.18
H MSE A 29 -7.72 23.47 9.14
HA MSE A 29 -8.41 22.01 6.98
HB2 MSE A 29 -6.47 24.02 7.26
HB3 MSE A 29 -6.52 23.09 5.97
HG2 MSE A 29 -8.69 23.95 5.52
HG3 MSE A 29 -8.49 24.98 6.72
HE1 MSE A 29 -6.59 26.98 6.84
HE2 MSE A 29 -5.45 25.89 6.61
HE3 MSE A 29 -5.47 27.22 5.74
N VAL A 30 -6.65 20.27 6.94
CA VAL A 30 -5.70 19.18 7.05
C VAL A 30 -4.90 19.10 5.76
N TYR A 31 -3.58 19.12 5.84
CA TYR A 31 -2.77 18.99 4.64
C TYR A 31 -2.35 17.53 4.46
N TYR A 32 -2.50 17.03 3.25
CA TYR A 32 -2.07 15.68 2.85
C TYR A 32 -0.89 15.79 1.94
N LEU A 33 0.26 15.29 2.37
CA LEU A 33 1.45 15.30 1.52
C LEU A 33 1.59 13.96 0.87
N VAL A 34 1.13 13.89 -0.36
CA VAL A 34 1.05 12.64 -1.09
C VAL A 34 2.34 12.48 -1.92
N PRO A 35 2.89 11.26 -1.97
CA PRO A 35 4.21 11.12 -2.61
C PRO A 35 4.20 11.28 -4.11
N THR A 36 3.18 10.75 -4.78
CA THR A 36 2.95 10.95 -6.22
C THR A 36 1.47 10.95 -6.47
N LEU A 37 1.08 11.21 -7.71
CA LEU A 37 -0.29 10.98 -8.14
C LEU A 37 -0.27 10.03 -9.36
N LEU A 38 0.60 9.03 -9.31
CA LEU A 38 0.92 8.28 -10.50
C LEU A 38 0.31 6.87 -10.54
N ASP A 39 -0.54 6.52 -9.59
CA ASP A 39 -1.37 5.33 -9.79
C ASP A 39 -2.72 5.49 -9.09
N GLU A 40 -3.58 4.50 -9.25
CA GLU A 40 -4.94 4.58 -8.74
C GLU A 40 -5.01 4.57 -7.20
N PHE A 41 -4.02 4.02 -6.53
CA PHE A 41 -4.01 4.07 -5.07
C PHE A 41 -3.79 5.51 -4.61
N GLN A 42 -2.83 6.16 -5.22
CA GLN A 42 -2.48 7.50 -4.77
C GLN A 42 -3.64 8.45 -5.03
N THR A 43 -4.21 8.41 -6.25
CA THR A 43 -5.28 9.32 -6.57
C THR A 43 -6.52 8.93 -5.78
N GLY A 44 -6.73 7.63 -5.60
CA GLY A 44 -7.80 7.15 -4.76
C GLY A 44 -7.65 7.64 -3.33
N SER A 45 -6.43 7.62 -2.79
CA SER A 45 -6.21 8.09 -1.42
C SER A 45 -6.56 9.57 -1.28
N VAL A 46 -6.25 10.37 -2.29
CA VAL A 46 -6.63 11.78 -2.20
C VAL A 46 -8.16 11.91 -2.12
N ASN A 47 -8.86 11.20 -2.98
CA ASN A 47 -10.30 11.27 -3.05
C ASN A 47 -10.94 10.78 -1.75
N ALA A 48 -10.46 9.65 -1.23
CA ALA A 48 -11.05 9.06 -0.03
C ALA A 48 -10.76 9.88 1.19
N LEU A 49 -9.52 10.31 1.37
CA LEU A 49 -9.19 11.13 2.52
C LEU A 49 -9.96 12.45 2.46
N SER A 50 -10.00 13.07 1.28
CA SER A 50 -10.73 14.34 1.18
C SER A 50 -12.20 14.15 1.56
N MSE A 51 -12.86 13.13 1.00
CA MSE A 51 -14.29 12.91 1.23
C MSE A 51 -14.57 12.55 2.68
O MSE A 51 -15.45 13.15 3.32
CB MSE A 51 -14.84 11.81 0.31
CG MSE A 51 -15.31 12.27 -1.07
SE MSE A 51 -16.16 10.86 -2.10
CE MSE A 51 -16.78 9.68 -0.67
HA MSE A 51 -14.76 13.73 1.02
HB2 MSE A 51 -14.15 11.14 0.18
HB3 MSE A 51 -15.60 11.40 0.75
HG2 MSE A 51 -14.55 12.59 -1.57
HG3 MSE A 51 -15.96 12.99 -0.96
HE1 MSE A 51 -16.01 9.38 -0.15
HE2 MSE A 51 -17.39 10.18 -0.10
HE3 MSE A 51 -17.23 8.91 -1.06
N PHE A 52 -13.82 11.60 3.20
CA PHE A 52 -14.03 11.13 4.57
C PHE A 52 -13.77 12.25 5.59
N LEU A 53 -12.68 12.98 5.43
CA LEU A 53 -12.40 14.08 6.36
C LEU A 53 -13.51 15.12 6.29
N GLY A 54 -14.06 15.31 5.10
CA GLY A 54 -15.11 16.30 4.91
C GLY A 54 -16.36 15.91 5.66
N GLN A 55 -16.61 14.61 5.72
CA GLN A 55 -17.78 14.08 6.43
C GLN A 55 -17.66 14.33 7.92
N VAL A 56 -16.43 14.49 8.41
CA VAL A 56 -16.21 14.73 9.85
C VAL A 56 -15.74 16.16 10.09
N GLY A 57 -15.90 17.03 9.10
CA GLY A 57 -15.79 18.46 9.30
C GLY A 57 -14.42 19.09 9.15
N TYR A 58 -13.54 18.45 8.37
CA TYR A 58 -12.22 19.00 8.04
C TYR A 58 -12.10 19.23 6.54
N GLU A 59 -11.48 20.35 6.18
CA GLU A 59 -11.14 20.62 4.78
C GLU A 59 -9.73 20.12 4.50
N MSE A 60 -9.58 19.31 3.48
CA MSE A 60 -8.27 18.76 3.13
C MSE A 60 -7.66 19.51 1.94
O MSE A 60 -8.37 19.83 0.97
CB MSE A 60 -8.38 17.28 2.81
CG MSE A 60 -7.03 16.60 2.73
SE MSE A 60 -7.19 14.72 2.40
CE MSE A 60 -6.89 14.74 0.49
H MSE A 60 -10.21 19.05 2.96
HA MSE A 60 -7.68 18.86 3.90
HB2 MSE A 60 -8.89 16.84 3.51
HB3 MSE A 60 -8.81 17.17 1.95
HG2 MSE A 60 -6.52 16.99 2.01
HG3 MSE A 60 -6.56 16.72 3.57
HE1 MSE A 60 -6.94 13.83 0.15
HE2 MSE A 60 -7.57 15.27 0.07
HE3 MSE A 60 -6.01 15.11 0.31
N LYS A 61 -6.38 19.80 2.04
CA LYS A 61 -5.60 20.35 0.92
C LYS A 61 -4.47 19.37 0.62
N THR A 62 -4.25 19.06 -0.67
CA THR A 62 -3.24 18.08 -1.04
C THR A 62 -2.08 18.74 -1.73
N LEU A 63 -0.87 18.32 -1.33
CA LEU A 63 0.39 18.68 -1.98
C LEU A 63 1.08 17.42 -2.51
N ASN A 64 1.49 17.46 -3.77
CA ASN A 64 2.10 16.32 -4.42
C ASN A 64 3.61 16.48 -4.57
N ALA A 65 4.36 15.50 -4.05
CA ALA A 65 5.82 15.54 -4.08
C ALA A 65 6.38 15.11 -5.44
N ASP A 66 5.51 14.48 -6.24
CA ASP A 66 5.89 13.88 -7.52
C ASP A 66 7.23 13.11 -7.41
N ASN A 67 7.30 12.26 -6.40
CA ASN A 67 8.40 11.32 -6.20
C ASN A 67 9.72 11.99 -5.88
N LYS A 68 9.69 13.26 -5.51
CA LYS A 68 10.90 13.99 -5.13
C LYS A 68 10.94 14.26 -3.62
N THR A 69 11.89 13.62 -2.95
CA THR A 69 12.09 13.80 -1.52
C THR A 69 12.33 15.27 -1.14
N ASP A 70 13.14 15.99 -1.91
CA ASP A 70 13.45 17.35 -1.51
C ASP A 70 12.21 18.23 -1.66
N ALA A 71 11.31 17.87 -2.59
CA ALA A 71 10.06 18.61 -2.74
C ALA A 71 9.16 18.42 -1.52
N GLN A 72 9.04 17.19 -1.08
CA GLN A 72 8.20 16.89 0.06
C GLN A 72 8.75 17.52 1.33
N GLN A 73 10.09 17.55 1.48
CA GLN A 73 10.69 18.19 2.64
C GLN A 73 10.40 19.69 2.64
N SER A 74 10.55 20.31 1.47
CA SER A 74 10.16 21.71 1.32
C SER A 74 8.65 21.92 1.59
N GLN A 75 7.79 21.01 1.13
CA GLN A 75 6.37 21.10 1.38
C GLN A 75 6.06 21.05 2.88
N MSE A 76 6.80 20.21 3.60
CA MSE A 76 6.63 20.12 5.04
C MSE A 76 6.88 21.48 5.68
O MSE A 76 6.10 21.93 6.50
CB MSE A 76 7.55 19.06 5.62
CG MSE A 76 7.06 17.67 5.41
SE MSE A 76 5.53 17.13 6.60
CE MSE A 76 6.43 17.18 8.35
H MSE A 76 7.40 19.69 3.27
HA MSE A 76 5.71 19.85 5.23
HB2 MSE A 76 8.43 19.14 5.20
HB3 MSE A 76 7.63 19.21 6.57
HG2 MSE A 76 6.77 17.58 4.49
HG3 MSE A 76 7.79 17.05 5.58
HE1 MSE A 76 5.79 16.94 9.04
HE2 MSE A 76 7.16 16.56 8.34
HE3 MSE A 76 6.75 18.07 8.50
N ASN A 77 7.97 22.14 5.30
CA ASN A 77 8.27 23.45 5.88
C ASN A 77 7.18 24.44 5.58
N ASP A 78 6.69 24.40 4.35
CA ASP A 78 5.66 25.32 3.90
C ASP A 78 4.41 25.16 4.77
N VAL A 79 3.98 23.91 4.92
CA VAL A 79 2.78 23.63 5.67
C VAL A 79 2.97 23.93 7.15
N ILE A 80 4.15 23.67 7.69
CA ILE A 80 4.43 24.01 9.08
C ILE A 80 4.20 25.49 9.30
N ALA A 81 4.60 26.30 8.31
CA ALA A 81 4.42 27.75 8.37
C ALA A 81 2.94 28.15 8.40
N LEU A 82 2.09 27.33 7.80
CA LEU A 82 0.66 27.59 7.70
C LEU A 82 -0.12 27.19 8.94
N LYS A 83 0.51 26.42 9.82
CA LYS A 83 -0.12 25.98 11.07
C LYS A 83 -1.52 25.42 10.84
N PRO A 84 -1.62 24.27 10.16
CA PRO A 84 -2.93 23.66 9.94
C PRO A 84 -3.36 22.84 11.14
N ALA A 85 -4.58 22.31 11.11
CA ALA A 85 -5.07 21.49 12.22
C ALA A 85 -4.29 20.18 12.32
N ALA A 86 -3.83 19.68 11.18
CA ALA A 86 -3.04 18.45 11.15
C ALA A 86 -2.39 18.28 9.79
N ILE A 87 -1.32 17.47 9.77
CA ILE A 87 -0.66 17.06 8.54
C ILE A 87 -0.82 15.56 8.37
N ILE A 88 -1.20 15.10 7.18
CA ILE A 88 -1.12 13.67 6.84
C ILE A 88 0.03 13.50 5.87
N LEU A 89 0.98 12.65 6.22
CA LEU A 89 2.16 12.42 5.43
C LEU A 89 2.22 10.98 4.93
N ALA A 90 2.50 10.80 3.64
CA ALA A 90 3.01 9.53 3.14
C ALA A 90 4.35 9.83 2.50
N ALA A 91 5.42 9.45 3.21
CA ALA A 91 6.78 9.84 2.86
C ALA A 91 7.25 9.24 1.54
N VAL A 92 7.89 10.08 0.73
CA VAL A 92 8.58 9.58 -0.46
C VAL A 92 9.67 8.59 -0.06
N ASP A 93 10.40 8.94 1.01
CA ASP A 93 11.51 8.13 1.51
C ASP A 93 11.40 8.10 3.03
N PHE A 94 11.26 6.91 3.62
CA PHE A 94 10.90 6.82 5.03
C PHE A 94 12.03 7.24 5.99
N ASN A 95 13.29 7.25 5.53
CA ASN A 95 14.40 7.72 6.34
C ASN A 95 14.60 9.25 6.24
N ALA A 96 14.17 9.81 5.12
CA ALA A 96 14.49 11.18 4.76
C ALA A 96 13.60 12.22 5.44
N LEU A 97 12.42 11.78 5.88
CA LEU A 97 11.38 12.67 6.38
C LEU A 97 11.39 12.79 7.90
N LYS A 98 12.21 11.98 8.56
CA LYS A 98 12.20 11.96 10.02
C LYS A 98 12.36 13.37 10.62
N PRO A 99 13.34 14.16 10.13
CA PRO A 99 13.52 15.51 10.64
C PRO A 99 12.32 16.46 10.49
N SER A 100 11.57 16.28 9.40
CA SER A 100 10.44 17.14 9.10
C SER A 100 9.30 16.80 10.04
N ILE A 101 9.11 15.50 10.28
CA ILE A 101 8.10 15.07 11.21
C ILE A 101 8.37 15.71 12.56
N GLU A 102 9.61 15.64 13.01
CA GLU A 102 9.99 16.18 14.30
C GLU A 102 9.76 17.68 14.35
N ALA A 103 10.04 18.36 13.25
CA ALA A 103 9.90 19.80 13.22
C ALA A 103 8.43 20.20 13.36
N ALA A 104 7.56 19.50 12.65
CA ALA A 104 6.13 19.80 12.67
C ALA A 104 5.59 19.61 14.08
N ARG A 105 5.92 18.49 14.69
CA ARG A 105 5.38 18.21 16.02
C ARG A 105 5.90 19.24 17.01
N ALA A 106 7.15 19.67 16.85
CA ALA A 106 7.72 20.66 17.73
C ALA A 106 6.99 21.99 17.61
N ALA A 107 6.47 22.28 16.42
CA ALA A 107 5.65 23.47 16.20
C ALA A 107 4.20 23.29 16.67
N GLY A 108 3.90 22.17 17.30
CA GLY A 108 2.58 21.92 17.84
C GLY A 108 1.58 21.37 16.83
N ILE A 109 2.06 20.89 15.69
CA ILE A 109 1.16 20.41 14.65
C ILE A 109 1.10 18.88 14.71
N PRO A 110 -0.11 18.34 14.85
CA PRO A 110 -0.22 16.88 14.78
C PRO A 110 0.16 16.33 13.40
N VAL A 111 0.87 15.21 13.39
CA VAL A 111 1.27 14.55 12.16
C VAL A 111 0.72 13.13 12.18
N VAL A 112 0.08 12.74 11.07
CA VAL A 112 -0.49 11.43 10.90
C VAL A 112 0.23 10.79 9.74
N GLU A 113 0.76 9.58 9.93
CA GLU A 113 1.36 8.82 8.83
C GLU A 113 0.27 7.99 8.14
N PHE A 114 0.15 8.14 6.82
CA PHE A 114 -0.75 7.36 5.99
C PHE A 114 0.05 6.37 5.17
N ASP A 115 -0.28 5.09 5.35
CA ASP A 115 0.17 4.00 4.46
C ASP A 115 1.64 3.58 4.61
N ARG A 116 2.55 4.55 4.76
CA ARG A 116 3.98 4.32 4.78
C ARG A 116 4.49 4.54 6.19
N GLN A 117 4.72 3.45 6.90
CA GLN A 117 4.99 3.50 8.33
C GLN A 117 6.37 4.03 8.64
N ILE A 118 6.42 5.00 9.55
CA ILE A 118 7.66 5.60 10.01
C ILE A 118 7.87 5.16 11.46
N THR A 119 8.82 4.24 11.70
CA THR A 119 8.95 3.66 13.04
C THR A 119 10.00 4.36 13.89
N SER A 120 10.72 5.29 13.27
CA SER A 120 11.91 5.85 13.88
C SER A 120 11.71 7.17 14.64
N THR A 121 10.52 7.73 14.59
CA THR A 121 10.21 8.93 15.36
C THR A 121 8.73 8.95 15.69
N PRO A 122 8.34 9.66 16.76
CA PRO A 122 6.90 9.60 17.06
C PRO A 122 6.03 10.39 16.08
N SER A 123 4.89 9.79 15.72
CA SER A 123 3.78 10.50 15.10
C SER A 123 2.55 10.43 16.00
N ASP A 124 1.52 11.17 15.64
CA ASP A 124 0.37 11.24 16.51
C ASP A 124 -0.66 10.17 16.17
N PHE A 125 -0.54 9.61 14.97
CA PHE A 125 -1.34 8.48 14.54
C PHE A 125 -0.73 7.93 13.28
N THR A 126 -0.93 6.64 13.07
CA THR A 126 -0.46 5.95 11.86
C THR A 126 -1.54 4.99 11.38
N SER A 127 -1.83 5.01 10.08
CA SER A 127 -2.85 4.14 9.53
C SER A 127 -2.28 3.37 8.35
N VAL A 128 -2.17 2.06 8.53
CA VAL A 128 -1.49 1.22 7.55
C VAL A 128 -2.20 -0.11 7.37
N ALA A 129 -1.91 -0.73 6.25
CA ALA A 129 -2.26 -2.13 6.05
C ALA A 129 -1.34 -3.05 6.88
N GLY A 130 -1.81 -4.26 7.14
CA GLY A 130 -0.95 -5.32 7.63
C GLY A 130 -0.08 -5.82 6.48
N THR A 131 1.05 -5.16 6.31
CA THR A 131 1.90 -5.38 5.12
C THR A 131 2.67 -6.68 5.20
N VAL A 132 3.19 -7.01 6.38
CA VAL A 132 3.90 -8.29 6.49
C VAL A 132 2.90 -9.39 6.20
N GLU A 133 1.65 -9.18 6.62
CA GLU A 133 0.60 -10.20 6.45
C GLU A 133 0.16 -10.29 4.99
N ILE A 134 0.17 -9.16 4.30
CA ILE A 134 -0.03 -9.20 2.87
C ILE A 134 1.07 -10.01 2.19
N GLY A 135 2.33 -9.88 2.62
CA GLY A 135 3.39 -10.68 2.01
C GLY A 135 3.18 -12.16 2.33
N HIS A 136 2.73 -12.44 3.56
CA HIS A 136 2.41 -13.83 3.90
C HIS A 136 1.32 -14.43 2.99
N ILE A 137 0.24 -13.69 2.78
CA ILE A 137 -0.86 -14.17 1.94
C ILE A 137 -0.35 -14.41 0.53
N ALA A 138 0.41 -13.47 0.01
CA ALA A 138 1.00 -13.65 -1.33
C ALA A 138 1.91 -14.90 -1.36
N GLY A 139 2.72 -15.07 -0.32
CA GLY A 139 3.56 -16.26 -0.19
C GLY A 139 2.77 -17.56 -0.19
N ASP A 140 1.69 -17.61 0.58
CA ASP A 140 0.83 -18.80 0.63
C ASP A 140 0.28 -19.13 -0.77
N HIS A 141 -0.13 -18.09 -1.50
CA HIS A 141 -0.70 -18.33 -2.82
C HIS A 141 0.38 -18.76 -3.78
N ALA A 142 1.57 -18.19 -3.67
CA ALA A 142 2.65 -18.59 -4.58
C ALA A 142 2.96 -20.07 -4.39
N ILE A 143 3.06 -20.47 -3.13
CA ILE A 143 3.34 -21.85 -2.80
C ILE A 143 2.26 -22.77 -3.39
N SER A 144 0.99 -22.39 -3.21
CA SER A 144 -0.13 -23.16 -3.74
C SER A 144 -0.07 -23.24 -5.24
N LEU A 145 0.34 -22.15 -5.85
CA LEU A 145 0.38 -22.06 -7.30
C LEU A 145 1.52 -22.87 -7.87
N LEU A 146 2.60 -23.01 -7.12
CA LEU A 146 3.76 -23.80 -7.58
C LEU A 146 3.76 -25.25 -7.11
N LYS A 147 2.82 -25.64 -6.27
CA LYS A 147 2.87 -27.02 -5.75
C LYS A 147 2.65 -27.96 -6.92
N GLY A 148 3.46 -29.02 -6.99
CA GLY A 148 3.42 -29.95 -8.11
C GLY A 148 2.54 -31.15 -7.79
N LYS A 149 2.33 -32.00 -8.79
CA LYS A 149 1.51 -33.20 -8.65
C LYS A 149 2.05 -34.17 -7.59
N ASN A 150 3.36 -34.15 -7.41
CA ASN A 150 4.02 -35.04 -6.45
C ASN A 150 4.19 -34.42 -5.05
N GLY A 151 3.47 -33.33 -4.77
CA GLY A 151 3.46 -32.76 -3.44
C GLY A 151 4.56 -31.75 -3.11
N ASP A 152 5.58 -31.67 -3.98
CA ASP A 152 6.71 -30.78 -3.73
C ASP A 152 6.44 -29.37 -4.25
N VAL A 153 7.32 -28.45 -3.87
CA VAL A 153 7.16 -27.07 -4.24
C VAL A 153 8.48 -26.68 -4.86
N LYS A 154 8.46 -26.49 -6.17
CA LYS A 154 9.66 -26.12 -6.88
C LYS A 154 9.27 -25.16 -7.99
N GLY A 155 10.25 -24.35 -8.41
CA GLY A 155 10.06 -23.51 -9.57
C GLY A 155 10.91 -22.28 -9.46
N LYS A 156 10.51 -21.23 -10.16
CA LYS A 156 11.26 -19.97 -10.12
C LYS A 156 10.33 -18.78 -10.12
N ILE A 157 10.56 -17.88 -9.18
CA ILE A 157 9.70 -16.73 -8.99
C ILE A 157 10.50 -15.51 -9.31
N LEU A 158 9.91 -14.61 -10.08
CA LEU A 158 10.48 -13.28 -10.25
C LEU A 158 9.66 -12.36 -9.38
N GLN A 159 10.33 -11.72 -8.42
CA GLN A 159 9.67 -10.76 -7.55
C GLN A 159 10.13 -9.37 -7.94
N VAL A 160 9.14 -8.49 -8.06
CA VAL A 160 9.37 -7.10 -8.44
C VAL A 160 8.80 -6.22 -7.36
N PRO A 161 9.62 -5.92 -6.34
CA PRO A 161 9.23 -4.96 -5.30
C PRO A 161 9.06 -3.56 -5.86
N GLY A 162 8.61 -2.64 -5.02
CA GLY A 162 8.52 -1.24 -5.39
C GLY A 162 9.77 -0.49 -4.94
N ASP A 163 9.60 0.79 -4.67
CA ASP A 163 10.75 1.62 -4.37
C ASP A 163 11.30 1.28 -3.00
N PRO A 164 12.63 1.20 -2.85
CA PRO A 164 13.26 0.83 -1.58
C PRO A 164 13.05 1.84 -0.47
N GLY A 165 12.56 3.03 -0.79
CA GLY A 165 12.32 4.06 0.21
C GLY A 165 10.94 3.95 0.85
N ASP A 166 10.20 2.90 0.50
CA ASP A 166 8.78 2.80 0.85
C ASP A 166 8.56 1.54 1.67
N PRO A 167 8.23 1.70 2.98
CA PRO A 167 8.06 0.56 3.88
C PRO A 167 6.93 -0.37 3.48
N TYR A 168 6.00 0.11 2.68
CA TYR A 168 4.90 -0.72 2.21
C TYR A 168 5.45 -1.96 1.50
N THR A 169 6.36 -1.73 0.55
CA THR A 169 6.92 -2.82 -0.23
C THR A 169 8.00 -3.52 0.58
N LEU A 170 8.78 -2.79 1.38
CA LEU A 170 9.82 -3.44 2.19
C LEU A 170 9.21 -4.54 3.07
N ASP A 171 8.06 -4.24 3.66
CA ASP A 171 7.45 -5.14 4.63
C ASP A 171 6.69 -6.26 3.90
N ILE A 172 6.08 -5.97 2.75
CA ILE A 172 5.51 -7.06 1.96
C ILE A 172 6.64 -8.01 1.59
N GLN A 173 7.78 -7.47 1.17
CA GLN A 173 8.88 -8.33 0.73
C GLN A 173 9.34 -9.26 1.84
N LYS A 174 9.39 -8.73 3.06
CA LYS A 174 9.77 -9.55 4.22
C LYS A 174 8.81 -10.73 4.43
N GLY A 175 7.51 -10.45 4.34
CA GLY A 175 6.51 -11.49 4.57
C GLY A 175 6.53 -12.52 3.48
N PHE A 176 6.73 -12.06 2.25
CA PHE A 176 6.71 -12.95 1.09
C PHE A 176 7.89 -13.88 1.17
N GLU A 177 9.05 -13.30 1.42
CA GLU A 177 10.28 -14.10 1.39
C GLU A 177 10.33 -15.08 2.54
N GLU A 178 9.77 -14.70 3.68
CA GLU A 178 9.64 -15.60 4.80
C GLU A 178 8.89 -16.88 4.40
N LYS A 179 7.78 -16.73 3.71
CA LYS A 179 7.03 -17.90 3.21
C LYS A 179 7.78 -18.74 2.19
N ILE A 180 8.34 -18.10 1.17
CA ILE A 180 8.96 -18.81 0.07
C ILE A 180 10.27 -19.50 0.46
N LYS A 181 11.05 -18.85 1.32
CA LYS A 181 12.33 -19.42 1.70
C LYS A 181 12.18 -20.80 2.36
N ALA A 182 10.99 -21.11 2.87
CA ALA A 182 10.77 -22.39 3.59
C ALA A 182 10.80 -23.57 2.61
N PHE A 183 10.74 -23.24 1.32
CA PHE A 183 10.68 -24.23 0.24
C PHE A 183 11.84 -23.94 -0.71
N PRO A 184 13.04 -24.48 -0.40
CA PRO A 184 14.26 -24.10 -1.11
C PRO A 184 14.32 -24.60 -2.56
N GLY A 185 13.39 -25.45 -2.98
CA GLY A 185 13.26 -25.82 -4.39
C GLY A 185 12.72 -24.69 -5.25
N VAL A 186 12.26 -23.62 -4.62
CA VAL A 186 11.82 -22.43 -5.32
C VAL A 186 12.97 -21.44 -5.36
N LYS A 187 13.42 -21.10 -6.57
CA LYS A 187 14.42 -20.05 -6.70
C LYS A 187 13.71 -18.73 -6.83
N ILE A 188 14.25 -17.71 -6.17
CA ILE A 188 13.66 -16.38 -6.23
C ILE A 188 14.68 -15.39 -6.77
N ILE A 189 14.22 -14.60 -7.72
CA ILE A 189 14.97 -13.47 -8.25
C ILE A 189 14.19 -12.21 -7.89
N SER A 190 14.84 -11.27 -7.21
CA SER A 190 14.15 -10.05 -6.78
C SER A 190 14.80 -8.81 -7.37
N VAL A 191 14.01 -7.99 -8.08
CA VAL A 191 14.50 -6.77 -8.71
C VAL A 191 13.51 -5.63 -8.52
N PRO A 192 13.85 -4.64 -7.69
CA PRO A 192 12.86 -3.59 -7.46
C PRO A 192 12.63 -2.67 -8.62
N ALA A 193 11.39 -2.23 -8.75
CA ALA A 193 11.00 -1.17 -9.69
C ALA A 193 11.22 0.16 -8.98
N VAL A 194 12.38 0.76 -9.21
CA VAL A 194 12.75 2.00 -8.52
C VAL A 194 11.72 3.09 -8.82
N GLN A 195 11.39 3.84 -7.76
CA GLN A 195 10.36 4.87 -7.80
C GLN A 195 8.98 4.35 -8.21
N TRP A 196 8.74 3.06 -7.99
CA TRP A 196 7.45 2.44 -8.26
C TRP A 196 7.05 2.53 -9.77
N GLU A 197 8.03 2.67 -10.65
CA GLU A 197 7.76 2.88 -12.07
C GLU A 197 7.41 1.61 -12.83
N ALA A 198 6.22 1.61 -13.42
CA ALA A 198 5.79 0.47 -14.21
C ALA A 198 6.77 0.26 -15.36
N SER A 199 7.33 1.34 -15.89
CA SER A 199 8.30 1.20 -16.98
C SER A 199 9.49 0.36 -16.57
N ALA A 200 9.93 0.50 -15.31
CA ALA A 200 11.05 -0.29 -14.82
C ALA A 200 10.64 -1.72 -14.71
N ALA A 201 9.42 -1.94 -14.24
CA ALA A 201 8.92 -3.28 -14.12
C ALA A 201 8.83 -3.95 -15.50
N GLY A 202 8.43 -3.21 -16.52
CA GLY A 202 8.37 -3.81 -17.86
C GLY A 202 9.75 -4.27 -18.36
N THR A 203 10.75 -3.43 -18.15
CA THR A 203 12.12 -3.76 -18.53
C THR A 203 12.63 -4.97 -17.76
N ILE A 204 12.33 -4.98 -16.46
CA ILE A 204 12.76 -6.05 -15.58
C ILE A 204 12.16 -7.39 -16.06
N VAL A 205 10.87 -7.40 -16.30
CA VAL A 205 10.22 -8.65 -16.71
C VAL A 205 10.80 -9.11 -18.06
N SER A 206 11.01 -8.20 -19.00
CA SER A 206 11.56 -8.61 -20.29
C SER A 206 12.95 -9.20 -20.13
N ASP A 207 13.82 -8.48 -19.42
CA ASP A 207 15.23 -8.90 -19.33
C ASP A 207 15.35 -10.19 -18.54
N GLN A 208 14.64 -10.26 -17.43
CA GLN A 208 14.73 -11.42 -16.57
C GLN A 208 14.13 -12.65 -17.23
N MSE A 209 13.05 -12.50 -17.99
CA MSE A 209 12.45 -13.67 -18.63
C MSE A 209 13.37 -14.17 -19.75
O MSE A 209 13.48 -15.37 -19.97
CB MSE A 209 11.04 -13.35 -19.15
H MSE A 209 12.63 -11.76 -18.14
HA MSE A 209 12.37 -14.37 -17.97
N LEU A 210 14.05 -13.27 -20.46
CA LEU A 210 14.96 -13.74 -21.52
C LEU A 210 16.09 -14.57 -20.91
N ALA A 211 16.55 -14.17 -19.72
CA ALA A 211 17.63 -14.86 -19.02
C ALA A 211 17.16 -16.10 -18.26
N ASN A 212 15.87 -16.17 -17.95
CA ASN A 212 15.28 -17.22 -17.11
C ASN A 212 13.96 -17.66 -17.72
N PRO A 213 14.00 -18.43 -18.79
CA PRO A 213 12.77 -18.84 -19.45
C PRO A 213 11.89 -19.70 -18.56
N ASP A 214 12.45 -20.17 -17.45
CA ASP A 214 11.77 -21.11 -16.56
C ASP A 214 11.04 -20.38 -15.43
N ILE A 215 11.02 -19.05 -15.45
CA ILE A 215 10.19 -18.31 -14.49
C ILE A 215 8.75 -18.79 -14.61
N ASP A 216 8.18 -19.25 -13.49
CA ASP A 216 6.81 -19.80 -13.40
C ASP A 216 5.79 -18.78 -12.88
N LEU A 217 6.27 -17.82 -12.11
CA LEU A 217 5.42 -16.92 -11.42
C LEU A 217 6.13 -15.60 -11.24
N ILE A 218 5.39 -14.52 -11.48
CA ILE A 218 5.93 -13.20 -11.22
C ILE A 218 5.04 -12.50 -10.21
N PHE A 219 5.65 -12.06 -9.10
CA PHE A 219 4.96 -11.35 -8.03
C PHE A 219 5.42 -9.89 -8.00
N LEU A 220 4.52 -8.97 -8.31
CA LEU A 220 4.85 -7.52 -8.32
C LEU A 220 4.09 -6.85 -7.22
N HIS A 221 4.70 -5.87 -6.57
CA HIS A 221 4.07 -5.35 -5.35
C HIS A 221 2.95 -4.34 -5.50
N ALA A 222 2.59 -3.97 -6.72
CA ALA A 222 1.39 -3.17 -6.94
C ALA A 222 0.86 -3.47 -8.36
N ALA A 223 -0.45 -3.37 -8.54
CA ALA A 223 -1.06 -3.83 -9.77
C ALA A 223 -0.67 -3.00 -10.99
N HIS A 224 -0.29 -1.72 -10.82
CA HIS A 224 0.12 -1.00 -12.01
C HIS A 224 1.44 -1.59 -12.54
N LEU A 225 2.22 -2.23 -11.70
CA LEU A 225 3.42 -2.91 -12.22
C LEU A 225 3.01 -4.13 -13.10
N SER A 226 1.98 -4.85 -12.68
CA SER A 226 1.50 -5.99 -13.43
C SER A 226 1.05 -5.64 -14.83
N VAL A 227 0.52 -4.44 -14.98
CA VAL A 227 0.12 -3.97 -16.32
C VAL A 227 1.33 -3.98 -17.29
N ALA A 228 2.49 -3.53 -16.81
CA ALA A 228 3.70 -3.57 -17.63
C ALA A 228 4.17 -5.01 -17.80
N ALA A 229 4.04 -5.83 -16.77
CA ALA A 229 4.49 -7.21 -16.89
C ALA A 229 3.69 -7.92 -17.97
N VAL A 230 2.38 -7.65 -18.02
CA VAL A 230 1.53 -8.28 -19.02
C VAL A 230 2.01 -7.89 -20.42
N ALA A 231 2.32 -6.61 -20.61
CA ALA A 231 2.72 -6.18 -21.94
C ALA A 231 4.04 -6.85 -22.32
N SER A 232 4.94 -6.97 -21.34
CA SER A 232 6.26 -7.60 -21.60
C SER A 232 6.10 -9.07 -21.95
N LEU A 233 5.20 -9.74 -21.24
CA LEU A 233 4.92 -11.15 -21.54
C LEU A 233 4.30 -11.31 -22.93
N GLU A 234 3.35 -10.46 -23.23
CA GLU A 234 2.67 -10.48 -24.50
C GLU A 234 3.66 -10.27 -25.66
N ALA A 235 4.66 -9.40 -25.45
CA ALA A 235 5.60 -9.09 -26.51
C ALA A 235 6.57 -10.24 -26.72
N ALA A 236 6.62 -11.14 -25.74
CA ALA A 236 7.39 -12.36 -25.87
C ALA A 236 6.53 -13.57 -26.32
N GLY A 237 5.28 -13.30 -26.72
CA GLY A 237 4.37 -14.32 -27.22
C GLY A 237 3.49 -15.08 -26.23
N LYS A 238 3.52 -14.67 -24.97
CA LYS A 238 2.76 -15.34 -23.93
C LYS A 238 1.31 -14.87 -23.95
N LYS A 239 0.44 -15.77 -23.51
CA LYS A 239 -0.98 -15.56 -23.39
C LYS A 239 -1.35 -15.60 -21.92
N PRO A 240 -2.54 -15.09 -21.58
CA PRO A 240 -2.99 -15.19 -20.19
C PRO A 240 -2.82 -16.61 -19.65
N GLY A 241 -2.20 -16.72 -18.49
CA GLY A 241 -2.09 -17.99 -17.80
C GLY A 241 -0.81 -18.77 -18.07
N ASP A 242 -0.09 -18.43 -19.13
CA ASP A 242 1.19 -19.07 -19.42
C ASP A 242 2.20 -18.94 -18.28
N VAL A 243 2.38 -17.71 -17.78
CA VAL A 243 3.19 -17.43 -16.60
C VAL A 243 2.23 -16.97 -15.51
N MSE A 244 2.28 -17.57 -14.32
CA MSE A 244 1.38 -17.09 -13.30
C MSE A 244 1.81 -15.72 -12.82
O MSE A 244 3.00 -15.38 -12.79
CB MSE A 244 1.30 -18.11 -12.15
CG MSE A 244 0.53 -19.37 -12.56
SE MSE A 244 1.39 -21.01 -11.98
CE MSE A 244 -0.13 -22.20 -12.22
H MSE A 244 2.81 -18.22 -14.10
HA MSE A 244 0.49 -17.03 -13.68
HB2 MSE A 244 2.20 -18.36 -11.89
HB3 MSE A 244 0.85 -17.70 -11.40
HG2 MSE A 244 0.46 -19.40 -13.52
HG3 MSE A 244 -0.35 -19.34 -12.16
HE1 MSE A 244 0.13 -23.10 -11.96
HE2 MSE A 244 -0.87 -21.90 -11.66
HE3 MSE A 244 -0.40 -22.19 -13.15
N LEU A 245 0.82 -14.92 -12.46
CA LEU A 245 1.07 -13.53 -12.08
C LEU A 245 0.25 -13.16 -10.87
N MSE A 246 0.85 -12.34 -10.02
CA MSE A 246 0.22 -11.86 -8.82
C MSE A 246 0.73 -10.48 -8.45
O MSE A 246 1.88 -10.16 -8.72
CB MSE A 246 0.53 -12.84 -7.69
CG MSE A 246 0.13 -12.40 -6.33
SE MSE A 246 0.33 -13.97 -5.13
CE MSE A 246 2.27 -14.32 -5.35
H MSE A 246 1.64 -12.02 -10.14
HA MSE A 246 -0.74 -11.83 -8.94
HB2 MSE A 246 0.07 -13.67 -7.87
HB3 MSE A 246 1.49 -12.99 -7.67
HG2 MSE A 246 0.71 -11.69 -6.03
HG3 MSE A 246 -0.80 -12.12 -6.34
HE1 MSE A 246 2.51 -15.08 -4.81
HE2 MSE A 246 2.45 -14.51 -6.30
HE3 MSE A 246 2.77 -13.54 -5.08
N SER A 247 -0.12 -9.62 -7.90
CA SER A 247 0.37 -8.38 -7.33
C SER A 247 -0.34 -8.07 -6.03
N SER A 248 0.12 -7.01 -5.36
CA SER A 248 -0.28 -6.77 -3.98
C SER A 248 -0.63 -5.29 -3.60
N ASN A 249 -1.60 -4.69 -4.29
CA ASN A 249 -2.29 -3.54 -3.69
C ASN A 249 -3.78 -3.42 -3.92
N GLY A 250 -4.33 -4.15 -4.88
CA GLY A 250 -5.77 -4.20 -5.07
C GLY A 250 -6.33 -3.13 -6.01
N ALA A 251 -5.46 -2.45 -6.74
CA ALA A 251 -5.91 -1.38 -7.59
C ALA A 251 -6.84 -1.91 -8.69
N PRO A 252 -7.72 -1.03 -9.18
CA PRO A 252 -8.65 -1.43 -10.27
C PRO A 252 -8.00 -2.13 -11.43
N VAL A 253 -6.85 -1.65 -11.93
CA VAL A 253 -6.24 -2.30 -13.07
C VAL A 253 -5.92 -3.73 -12.72
N GLY A 254 -5.69 -4.02 -11.45
CA GLY A 254 -5.40 -5.39 -11.01
C GLY A 254 -6.61 -6.30 -11.10
N LEU A 255 -7.75 -5.81 -10.64
CA LEU A 255 -8.95 -6.62 -10.66
C LEU A 255 -9.36 -6.86 -12.11
N ASP A 256 -9.09 -5.87 -12.96
CA ASP A 256 -9.42 -6.10 -14.36
C ASP A 256 -8.51 -7.15 -14.98
N LEU A 257 -7.23 -7.22 -14.57
CA LEU A 257 -6.31 -8.25 -15.08
C LEU A 257 -6.70 -9.62 -14.55
N ILE A 258 -7.32 -9.68 -13.37
CA ILE A 258 -7.89 -10.95 -12.87
C ILE A 258 -9.02 -11.42 -13.76
N ARG A 259 -9.96 -10.52 -14.03
CA ARG A 259 -11.07 -10.86 -14.87
C ARG A 259 -10.64 -11.31 -16.27
N LYS A 260 -9.55 -10.75 -16.79
CA LYS A 260 -9.08 -11.07 -18.15
C LYS A 260 -8.22 -12.34 -18.16
N GLY A 261 -7.91 -12.87 -16.96
CA GLY A 261 -7.19 -14.13 -16.84
C GLY A 261 -5.68 -13.99 -16.77
N TRP A 262 -5.19 -12.75 -16.80
CA TRP A 262 -3.75 -12.52 -16.75
C TRP A 262 -3.20 -12.68 -15.35
N LEU A 263 -3.95 -12.17 -14.37
CA LEU A 263 -3.55 -12.17 -12.97
C LEU A 263 -4.22 -13.30 -12.26
N ASN A 264 -3.43 -14.11 -11.54
CA ASN A 264 -3.99 -15.21 -10.76
C ASN A 264 -4.54 -14.77 -9.42
N VAL A 265 -3.85 -13.82 -8.82
CA VAL A 265 -4.19 -13.34 -7.48
C VAL A 265 -3.79 -11.87 -7.35
N GLU A 266 -4.64 -11.08 -6.69
CA GLU A 266 -4.31 -9.75 -6.24
C GLU A 266 -4.58 -9.72 -4.73
N VAL A 267 -3.56 -9.41 -3.94
CA VAL A 267 -3.71 -9.27 -2.51
C VAL A 267 -3.89 -7.80 -2.24
N GLU A 268 -5.11 -7.40 -1.92
CA GLU A 268 -5.38 -5.97 -1.82
C GLU A 268 -4.93 -5.47 -0.46
N GLN A 269 -4.57 -4.20 -0.43
CA GLN A 269 -4.55 -3.43 0.82
C GLN A 269 -5.88 -2.70 0.89
N PRO A 270 -6.41 -2.49 2.11
CA PRO A 270 -7.72 -1.86 2.27
C PRO A 270 -7.67 -0.33 2.27
N LEU A 271 -7.56 0.26 1.07
CA LEU A 271 -7.41 1.68 0.94
C LEU A 271 -8.48 2.46 1.64
N TYR A 272 -9.75 2.15 1.37
CA TYR A 272 -10.82 2.97 1.94
C TYR A 272 -10.78 2.94 3.46
N ALA A 273 -10.45 1.77 4.02
CA ALA A 273 -10.42 1.61 5.47
C ALA A 273 -9.26 2.40 6.07
N GLN A 274 -8.10 2.36 5.43
CA GLN A 274 -6.97 3.13 5.96
C GLN A 274 -7.32 4.62 6.00
N ALA A 275 -8.06 5.08 5.00
CA ALA A 275 -8.41 6.50 4.89
C ALA A 275 -9.50 6.81 5.89
N ALA A 276 -10.50 5.95 5.95
CA ALA A 276 -11.59 6.12 6.90
C ALA A 276 -11.08 6.19 8.35
N ALA A 277 -10.09 5.38 8.68
CA ALA A 277 -9.59 5.35 10.05
C ALA A 277 -8.98 6.69 10.42
N ILE A 278 -8.23 7.29 9.51
CA ILE A 278 -7.67 8.60 9.80
C ILE A 278 -8.79 9.61 10.08
N ALA A 279 -9.86 9.58 9.28
CA ALA A 279 -10.97 10.52 9.46
C ALA A 279 -11.69 10.26 10.78
N MSE A 280 -11.86 8.98 11.11
CA MSE A 280 -12.54 8.60 12.33
C MSE A 280 -11.83 9.09 13.58
O MSE A 280 -12.48 9.48 14.57
CB MSE A 280 -12.69 7.06 12.41
CG MSE A 280 -13.83 6.52 11.60
SE MSE A 280 -13.65 4.56 11.47
CE MSE A 280 -14.88 4.24 9.97
H MSE A 280 -11.58 8.32 10.64
HA MSE A 280 -13.42 8.98 12.31
HB2 MSE A 280 -11.88 6.66 12.08
HB3 MSE A 280 -12.84 6.82 13.33
HG2 MSE A 280 -14.67 6.73 12.04
HG3 MSE A 280 -13.80 6.89 10.70
HE1 MSE A 280 -14.90 3.29 9.78
HE2 MSE A 280 -15.77 4.55 10.21
HE3 MSE A 280 -14.56 4.73 9.19
N PHE A 281 -10.49 9.07 13.57
CA PHE A 281 -9.73 9.40 14.77
C PHE A 281 -9.22 10.83 14.78
N MSE A 282 -9.58 11.61 13.77
CA MSE A 282 -8.95 12.91 13.61
C MSE A 282 -9.29 13.85 14.76
O MSE A 282 -8.44 14.61 15.22
CB MSE A 282 -9.33 13.55 12.27
CG MSE A 282 -8.63 14.89 11.99
SE MSE A 282 -6.65 14.77 11.87
CE MSE A 282 -6.45 13.85 10.14
H MSE A 282 -10.17 11.42 13.18
HA MSE A 282 -7.98 12.79 13.61
HB2 MSE A 282 -9.09 12.94 11.55
HB3 MSE A 282 -10.28 13.70 12.26
HG2 MSE A 282 -8.95 15.24 11.15
HG3 MSE A 282 -8.84 15.50 12.71
HE1 MSE A 282 -5.50 13.73 9.96
HE2 MSE A 282 -6.89 12.99 10.19
HE3 MSE A 282 -6.85 14.39 9.45
N ASP A 283 -10.52 13.78 15.25
CA ASP A 283 -10.89 14.64 16.39
C ASP A 283 -9.97 14.38 17.58
N LYS A 284 -9.67 13.10 17.82
CA LYS A 284 -8.79 12.72 18.93
C LYS A 284 -7.35 13.18 18.70
N VAL A 285 -6.89 13.03 17.47
CA VAL A 285 -5.56 13.50 17.09
C VAL A 285 -5.47 15.01 17.29
N VAL A 286 -6.42 15.75 16.76
CA VAL A 286 -6.38 17.22 16.83
C VAL A 286 -6.61 17.69 18.26
N GLY A 287 -7.39 16.93 19.02
CA GLY A 287 -7.67 17.28 20.40
C GLY A 287 -6.62 16.78 21.37
N LYS A 288 -5.60 16.10 20.84
CA LYS A 288 -4.54 15.53 21.64
C LYS A 288 -5.12 14.64 22.74
N LYS A 289 -6.19 13.91 22.38
CA LYS A 289 -6.81 12.94 23.27
C LYS A 289 -6.24 11.52 23.03
N PRO A 290 -6.09 10.71 24.10
CA PRO A 290 -5.54 9.37 23.86
C PRO A 290 -6.41 8.46 22.99
N ILE A 291 -5.73 7.65 22.21
CA ILE A 291 -6.36 6.70 21.30
C ILE A 291 -6.13 5.32 21.89
N LYS A 292 -7.19 4.70 22.42
CA LYS A 292 -7.04 3.51 23.25
C LYS A 292 -6.76 2.30 22.40
N ALA A 293 -5.81 1.48 22.83
CA ALA A 293 -5.50 0.26 22.10
C ALA A 293 -6.68 -0.70 22.11
N GLY A 294 -6.81 -1.48 21.05
CA GLY A 294 -7.90 -2.42 20.95
C GLY A 294 -8.33 -2.73 19.52
N ASP A 295 -9.35 -3.56 19.37
CA ASP A 295 -9.91 -3.88 18.05
C ASP A 295 -11.03 -2.91 17.73
N TYR A 296 -11.01 -2.36 16.53
CA TYR A 296 -12.06 -1.46 16.06
C TYR A 296 -12.65 -1.97 14.76
N ASP A 297 -13.89 -1.56 14.47
CA ASP A 297 -14.49 -1.83 13.17
C ASP A 297 -14.26 -0.63 12.25
N VAL A 298 -13.51 -0.82 11.17
CA VAL A 298 -13.35 0.22 10.17
C VAL A 298 -13.88 -0.33 8.88
N LEU A 299 -15.00 0.24 8.41
CA LEU A 299 -15.65 -0.19 7.18
C LEU A 299 -15.76 -1.72 7.12
N GLY A 300 -16.11 -2.32 8.25
CA GLY A 300 -16.34 -3.76 8.32
C GLY A 300 -15.12 -4.64 8.61
N LEU A 301 -13.93 -4.06 8.61
CA LEU A 301 -12.70 -4.80 8.86
C LEU A 301 -12.21 -4.68 10.31
N LYS A 302 -11.77 -5.80 10.89
CA LYS A 302 -11.18 -5.83 12.21
C LYS A 302 -9.86 -5.09 12.13
N SER A 303 -9.80 -3.92 12.76
CA SER A 303 -8.65 -3.03 12.66
C SER A 303 -7.98 -2.87 14.04
N VAL A 304 -6.69 -3.14 14.11
CA VAL A 304 -6.03 -3.28 15.40
C VAL A 304 -5.18 -2.06 15.80
N VAL A 305 -5.58 -1.41 16.89
CA VAL A 305 -4.84 -0.27 17.42
C VAL A 305 -3.91 -0.70 18.51
N THR A 306 -2.65 -0.31 18.38
CA THR A 306 -1.64 -0.57 19.39
C THR A 306 -0.95 0.73 19.72
N MSE A 307 -0.38 0.80 20.92
CA MSE A 307 0.52 1.90 21.28
C MSE A 307 1.95 1.46 20.94
O MSE A 307 2.49 0.57 21.59
CB MSE A 307 0.41 2.24 22.78
CG MSE A 307 -0.80 3.07 23.16
SE MSE A 307 -0.48 4.96 22.90
CE MSE A 307 -2.11 5.63 23.72
H MSE A 307 -0.50 0.24 21.55
HA MSE A 307 0.30 2.69 20.77
HB2 MSE A 307 0.36 1.41 23.29
HB3 MSE A 307 1.21 2.73 23.04
HG2 MSE A 307 -1.55 2.81 22.60
HG3 MSE A 307 -1.01 2.91 24.08
HE1 MSE A 307 -2.87 5.28 23.23
HE2 MSE A 307 -2.14 5.34 24.65
HE3 MSE A 307 -2.11 6.59 23.67
N GLU A 308 2.57 2.10 19.94
CA GLU A 308 3.94 1.76 19.52
C GLU A 308 4.88 2.88 19.90
N THR A 309 6.18 2.68 19.71
CA THR A 309 7.15 3.72 20.06
C THR A 309 7.00 4.94 19.15
N TRP A 310 6.38 4.71 17.99
CA TRP A 310 6.15 5.77 17.03
C TRP A 310 4.73 6.31 17.17
N GLY A 311 4.07 5.99 18.28
CA GLY A 311 2.72 6.46 18.57
C GLY A 311 1.62 5.47 18.30
N PRO A 312 0.36 5.91 18.44
CA PRO A 312 -0.81 5.06 18.12
C PRO A 312 -0.77 4.58 16.69
N ASN A 313 -1.09 3.31 16.48
CA ASN A 313 -0.94 2.67 15.19
C ASN A 313 -2.16 1.80 14.93
N ILE A 314 -2.84 1.95 13.79
CA ILE A 314 -3.93 1.04 13.44
C ILE A 314 -3.48 0.24 12.22
N LYS A 315 -3.58 -1.08 12.37
CA LYS A 315 -3.14 -2.00 11.34
C LYS A 315 -4.39 -2.68 10.77
N ILE A 316 -4.60 -2.56 9.46
CA ILE A 316 -5.86 -3.02 8.87
C ILE A 316 -5.57 -4.10 7.82
N PRO A 317 -6.31 -5.22 7.86
CA PRO A 317 -5.90 -6.39 7.06
C PRO A 317 -6.23 -6.26 5.58
N GLY A 318 -5.36 -6.81 4.75
CA GLY A 318 -5.66 -6.99 3.34
C GLY A 318 -6.23 -8.38 3.12
N SER A 319 -6.58 -8.70 1.86
CA SER A 319 -7.20 -9.95 1.50
C SER A 319 -6.79 -10.39 0.08
N ALA A 320 -6.76 -11.71 -0.12
CA ALA A 320 -6.50 -12.22 -1.47
C ALA A 320 -7.77 -12.16 -2.30
N ILE A 321 -7.62 -11.69 -3.53
CA ILE A 321 -8.68 -11.59 -4.50
C ILE A 321 -8.31 -12.52 -5.64
N THR A 322 -9.26 -13.35 -6.07
CA THR A 322 -9.07 -14.23 -7.22
C THR A 322 -10.30 -14.12 -8.09
N LYS A 323 -10.36 -14.89 -9.18
CA LYS A 323 -11.51 -14.79 -10.06
C LYS A 323 -12.80 -15.10 -9.30
N GLU A 324 -12.69 -15.90 -8.23
CA GLU A 324 -13.87 -16.35 -7.48
C GLU A 324 -14.56 -15.26 -6.68
N ASN A 325 -13.81 -14.28 -6.21
CA ASN A 325 -14.37 -13.23 -5.37
C ASN A 325 -14.08 -11.82 -5.86
N VAL A 326 -13.69 -11.69 -7.14
CA VAL A 326 -13.18 -10.43 -7.63
C VAL A 326 -14.28 -9.35 -7.65
N ASP A 327 -15.54 -9.77 -7.68
CA ASP A 327 -16.63 -8.80 -7.76
C ASP A 327 -17.18 -8.36 -6.41
N ASN A 328 -16.51 -8.75 -5.32
CA ASN A 328 -16.96 -8.41 -3.99
C ASN A 328 -16.82 -6.90 -3.84
N PRO A 329 -17.92 -6.18 -3.55
CA PRO A 329 -17.86 -4.71 -3.50
C PRO A 329 -17.06 -4.14 -2.31
N SER A 330 -16.63 -4.99 -1.41
CA SER A 330 -15.83 -4.52 -0.30
C SER A 330 -14.40 -4.23 -0.75
N PHE A 331 -13.99 -4.78 -1.88
CA PHE A 331 -12.62 -4.58 -2.34
C PHE A 331 -12.53 -3.26 -3.10
N TRP A 332 -11.56 -2.42 -2.72
CA TRP A 332 -11.59 -1.03 -3.17
C TRP A 332 -11.36 -0.89 -4.67
N GLY A 333 -10.75 -1.89 -5.31
CA GLY A 333 -10.54 -1.83 -6.73
C GLY A 333 -11.81 -1.88 -7.57
N ASN A 334 -12.94 -2.20 -6.93
CA ASN A 334 -14.25 -2.15 -7.58
C ASN A 334 -14.90 -0.78 -7.45
N LEU A 335 -14.21 0.11 -6.74
CA LEU A 335 -14.57 1.51 -6.65
C LEU A 335 -16.01 1.70 -6.22
N LYS A 336 -16.39 0.96 -5.18
CA LYS A 336 -17.67 1.12 -4.51
C LYS A 336 -17.39 1.45 -3.05
N PRO A 337 -17.06 2.72 -2.78
CA PRO A 337 -16.83 3.21 -1.42
C PRO A 337 -18.08 3.12 -0.56
N PRO A 338 -17.89 3.04 0.77
CA PRO A 338 -19.03 2.93 1.68
C PRO A 338 -20.04 4.01 1.43
N THR A 339 -21.31 3.65 1.51
CA THR A 339 -22.39 4.58 1.28
C THR A 339 -22.60 5.47 2.51
N ALA A 340 -22.39 4.90 3.69
CA ALA A 340 -22.72 5.60 4.93
C ALA A 340 -21.59 6.49 5.50
N ALA A 341 -22.00 7.71 5.85
CA ALA A 341 -21.33 8.60 6.78
C ALA A 341 -20.21 8.01 7.62
N ILE A 342 -19.00 8.54 7.46
CA ILE A 342 -17.93 8.27 8.42
C ILE A 342 -18.24 9.12 9.65
N LYS A 343 -18.10 8.53 10.84
CA LYS A 343 -18.34 9.27 12.08
C LYS A 343 -17.10 9.29 12.96
N SER A 344 -16.90 10.43 13.61
CA SER A 344 -15.78 10.63 14.52
C SER A 344 -15.87 9.71 15.71
N VAL A 345 -14.74 9.11 16.05
CA VAL A 345 -14.66 8.27 17.23
C VAL A 345 -14.68 9.14 18.47
N GLU A 346 -15.65 8.87 19.33
CA GLU A 346 -15.85 9.65 20.54
C GLU A 346 -15.28 8.88 21.73
C1 PA1 B . 2.46 2.69 -1.91
O1 PA1 B . 3.35 1.68 -1.78
C2 PA1 B . 1.06 2.05 -1.93
N2 PA1 B . 0.88 1.19 -0.81
C3 PA1 B . 0.75 1.31 -3.23
O3 PA1 B . -0.61 0.99 -3.39
C4 PA1 B . 1.22 2.14 -4.44
O4 PA1 B . 1.08 1.41 -5.63
C5 PA1 B . 2.61 2.72 -4.33
O5 PA1 B . 2.70 3.40 -3.13
C6 PA1 B . 2.97 3.61 -5.52
O6 PA1 B . 2.05 4.59 -5.69
#